data_6HGY
#
_entry.id   6HGY
#
_cell.length_a   45.560
_cell.length_b   44.884
_cell.length_c   49.990
_cell.angle_alpha   90.00
_cell.angle_beta   115.91
_cell.angle_gamma   90.00
#
_symmetry.space_group_name_H-M   'P 1 21 1'
#
loop_
_entity.id
_entity.type
_entity.pdbx_description
1 polymer 'Cathepsin K'
2 non-polymer 'THALASSOSPIRAMIDE C'
3 water water
#
_entity_poly.entity_id   1
_entity_poly.type   'polypeptide(L)'
_entity_poly.pdbx_seq_one_letter_code
;APDSVDYRKKGYVTPVKNQGQCGSCWAFSSVGALEGQLKKKTGKLLNLSPQNLVDCVSENDGCGGGYMTNAFQYVQKNRG
IDSEDAYPYVGQEESCMYNPTGKAAKCRGYREIPEGNEKALKRAVARVGPVSVAIDASLTSFQFYSKGVYYDESCNSDNL
NHAVLAVGYGIQKGNKHWIIKNSWGENWGNKGYILMARNKNNACGIANLASFPKM
;
_entity_poly.pdbx_strand_id   A
#
# COMPACT_ATOMS: atom_id res chain seq x y z
N ALA A 1 13.37 4.07 17.39
CA ALA A 1 12.56 4.84 16.37
C ALA A 1 11.77 5.99 17.02
N PRO A 2 11.26 6.98 16.22
CA PRO A 2 10.39 8.03 16.79
C PRO A 2 9.04 7.52 17.27
N ASP A 3 8.37 8.33 18.09
CA ASP A 3 7.01 8.04 18.57
C ASP A 3 5.96 8.32 17.49
N SER A 4 6.12 9.45 16.78
CA SER A 4 5.26 9.88 15.68
C SER A 4 5.99 9.74 14.33
N VAL A 5 5.30 9.18 13.32
CA VAL A 5 5.75 9.17 11.91
C VAL A 5 4.54 9.43 10.99
N ASP A 6 4.72 10.32 10.01
CA ASP A 6 3.65 10.68 9.06
C ASP A 6 4.24 11.21 7.74
N TYR A 7 4.52 10.29 6.81
CA TYR A 7 5.11 10.63 5.50
C TYR A 7 4.19 11.40 4.52
N ARG A 8 2.89 11.50 4.82
CA ARG A 8 2.00 12.47 4.16
C ARG A 8 2.46 13.93 4.35
N LYS A 9 2.99 14.24 5.54
CA LYS A 9 3.52 15.58 5.84
C LYS A 9 4.86 15.91 5.17
N LYS A 10 5.61 14.88 4.74
CA LYS A 10 6.83 15.02 3.91
C LYS A 10 6.60 14.94 2.38
N GLY A 11 5.35 14.88 1.93
CA GLY A 11 5.00 14.89 0.52
C GLY A 11 5.18 13.59 -0.25
N TYR A 12 5.29 12.46 0.46
CA TYR A 12 5.54 11.14 -0.15
C TYR A 12 4.27 10.53 -0.76
N VAL A 13 3.11 10.92 -0.22
CA VAL A 13 1.86 10.22 -0.41
C VAL A 13 0.99 11.01 -1.39
N THR A 14 0.49 10.32 -2.42
CA THR A 14 -0.41 10.89 -3.42
C THR A 14 -1.85 10.85 -2.88
N PRO A 15 -2.82 11.47 -3.57
CA PRO A 15 -4.23 11.36 -3.16
C PRO A 15 -4.79 9.94 -3.09
N VAL A 16 -5.93 9.83 -2.40
CA VAL A 16 -6.60 8.55 -2.23
C VAL A 16 -7.25 8.23 -3.55
N LYS A 17 -6.82 7.11 -4.15
CA LYS A 17 -7.40 6.61 -5.40
C LYS A 17 -8.59 5.75 -5.06
N ASN A 18 -9.29 5.34 -6.11
CA ASN A 18 -10.43 4.43 -6.02
C ASN A 18 -10.22 3.29 -7.00
N GLN A 19 -10.01 2.08 -6.48
CA GLN A 19 -9.92 0.86 -7.30
C GLN A 19 -11.22 0.47 -8.01
N GLY A 20 -12.37 0.79 -7.41
CA GLY A 20 -13.67 0.43 -7.96
C GLY A 20 -14.02 -1.02 -7.67
N GLN A 21 -14.77 -1.63 -8.58
CA GLN A 21 -15.18 -3.05 -8.47
C GLN A 21 -14.04 -4.04 -8.71
N CYS A 22 -13.12 -3.68 -9.61
CA CYS A 22 -11.88 -4.44 -9.87
C CYS A 22 -11.06 -4.64 -8.59
N GLY A 23 -10.69 -5.89 -8.29
CA GLY A 23 -9.88 -6.22 -7.13
C GLY A 23 -8.39 -6.09 -7.42
N SER A 24 -7.97 -4.85 -7.68
CA SER A 24 -6.58 -4.50 -7.99
C SER A 24 -5.97 -3.79 -6.78
N CYS A 25 -6.23 -4.31 -5.60
CA CYS A 25 -5.84 -3.67 -4.34
C CYS A 25 -4.32 -3.70 -4.18
N TRP A 26 -3.75 -4.89 -4.39
CA TRP A 26 -2.30 -5.10 -4.54
C TRP A 26 -1.56 -4.08 -5.44
N ALA A 27 -2.19 -3.71 -6.55
CA ALA A 27 -1.61 -2.75 -7.50
C ALA A 27 -1.61 -1.34 -6.93
N PHE A 28 -2.71 -0.97 -6.27
CA PHE A 28 -2.79 0.31 -5.52
C PHE A 28 -1.83 0.39 -4.32
N SER A 29 -1.72 -0.70 -3.56
CA SER A 29 -0.69 -0.86 -2.51
C SER A 29 0.74 -0.72 -3.05
N SER A 30 1.03 -1.41 -4.16
CA SER A 30 2.36 -1.41 -4.78
C SER A 30 2.78 -0.04 -5.28
N VAL A 31 1.89 0.57 -6.06
CA VAL A 31 2.06 1.93 -6.57
C VAL A 31 2.31 2.95 -5.45
N GLY A 32 1.48 2.89 -4.41
CA GLY A 32 1.68 3.66 -3.18
C GLY A 32 3.08 3.60 -2.56
N ALA A 33 3.63 2.38 -2.51
CA ALA A 33 4.98 2.14 -2.00
C ALA A 33 6.09 2.73 -2.89
N LEU A 34 5.91 2.59 -4.21
CA LEU A 34 6.87 3.10 -5.20
C LEU A 34 6.85 4.63 -5.24
N GLU A 35 5.64 5.19 -5.32
CA GLU A 35 5.38 6.65 -5.17
C GLU A 35 6.11 7.31 -4.01
N GLY A 36 6.09 6.66 -2.84
CA GLY A 36 6.82 7.09 -1.66
C GLY A 36 8.32 7.12 -1.86
N GLN A 37 8.85 6.01 -2.35
CA GLN A 37 10.29 5.89 -2.67
C GLN A 37 10.76 6.79 -3.82
N LEU A 38 9.88 7.12 -4.75
CA LEU A 38 10.16 8.10 -5.82
C LEU A 38 10.43 9.50 -5.25
N LYS A 39 9.55 9.98 -4.38
CA LYS A 39 9.70 11.28 -3.69
C LYS A 39 10.98 11.39 -2.86
N LYS A 40 11.35 10.31 -2.16
CA LYS A 40 12.55 10.26 -1.32
C LYS A 40 13.83 10.43 -2.15
N LYS A 41 13.91 9.66 -3.23
CA LYS A 41 15.05 9.67 -4.16
C LYS A 41 15.17 10.99 -4.94
N THR A 42 14.12 11.30 -5.70
CA THR A 42 14.15 12.35 -6.74
C THR A 42 13.71 13.76 -6.30
N GLY A 43 12.97 13.86 -5.18
CA GLY A 43 12.26 15.08 -4.78
C GLY A 43 10.88 15.34 -5.39
N LYS A 44 10.53 14.61 -6.46
CA LYS A 44 9.30 14.83 -7.23
C LYS A 44 8.30 13.71 -6.91
N LEU A 45 7.06 14.11 -6.65
CA LEU A 45 5.94 13.21 -6.45
C LEU A 45 5.09 13.20 -7.72
N LEU A 46 4.57 12.02 -8.07
CA LEU A 46 3.49 11.90 -9.06
C LEU A 46 2.77 10.55 -8.91
N ASN A 47 1.64 10.40 -9.60
CA ASN A 47 0.90 9.14 -9.61
C ASN A 47 1.60 8.15 -10.55
N LEU A 48 2.03 7.00 -10.01
CA LEU A 48 2.45 5.86 -10.83
C LEU A 48 1.21 5.05 -11.21
N SER A 49 1.37 4.16 -12.20
CA SER A 49 0.24 3.47 -12.86
C SER A 49 -0.12 2.15 -12.18
N PRO A 50 -1.31 2.08 -11.50
CA PRO A 50 -1.85 0.76 -11.11
C PRO A 50 -2.23 -0.13 -12.31
N GLN A 51 -2.69 0.49 -13.41
CA GLN A 51 -3.09 -0.25 -14.62
C GLN A 51 -1.93 -0.96 -15.34
N ASN A 52 -0.77 -0.30 -15.39
CA ASN A 52 0.52 -0.90 -15.79
C ASN A 52 0.75 -2.21 -15.04
N LEU A 53 0.56 -2.19 -13.72
CA LEU A 53 0.71 -3.40 -12.91
C LEU A 53 -0.40 -4.43 -13.21
N VAL A 54 -1.66 -4.00 -13.27
CA VAL A 54 -2.81 -4.90 -13.55
C VAL A 54 -2.67 -5.65 -14.89
N ASP A 55 -2.31 -4.91 -15.93
CA ASP A 55 -2.20 -5.44 -17.30
C ASP A 55 -0.97 -6.32 -17.57
N CYS A 56 0.18 -5.99 -16.97
CA CYS A 56 1.49 -6.57 -17.30
C CYS A 56 2.06 -7.55 -16.28
N VAL A 57 1.69 -7.45 -14.99
CA VAL A 57 2.16 -8.41 -13.96
C VAL A 57 1.47 -9.77 -14.23
N SER A 58 2.05 -10.55 -15.15
CA SER A 58 1.49 -11.85 -15.58
C SER A 58 1.46 -12.91 -14.47
N GLU A 59 2.34 -12.80 -13.47
CA GLU A 59 2.34 -13.70 -12.30
C GLU A 59 1.16 -13.50 -11.32
N ASN A 60 0.47 -12.37 -11.40
CA ASN A 60 -0.75 -12.07 -10.63
C ASN A 60 -1.98 -12.26 -11.50
N ASP A 61 -3.17 -12.23 -10.88
CA ASP A 61 -4.46 -12.43 -11.57
C ASP A 61 -5.25 -11.12 -11.76
N GLY A 62 -4.55 -10.02 -12.06
CA GLY A 62 -5.19 -8.73 -12.38
C GLY A 62 -6.19 -8.22 -11.35
N CYS A 63 -7.46 -8.10 -11.77
CA CYS A 63 -8.57 -7.79 -10.87
C CYS A 63 -8.97 -8.95 -9.95
N GLY A 64 -8.62 -10.19 -10.31
CA GLY A 64 -8.85 -11.36 -9.46
C GLY A 64 -8.02 -11.42 -8.19
N GLY A 65 -6.79 -10.92 -8.25
CA GLY A 65 -5.87 -10.93 -7.11
C GLY A 65 -4.42 -10.73 -7.51
N GLY A 66 -3.53 -10.76 -6.52
CA GLY A 66 -2.09 -10.51 -6.73
C GLY A 66 -1.34 -10.14 -5.48
N TYR A 67 -0.02 -10.32 -5.52
CA TYR A 67 0.91 -9.92 -4.45
C TYR A 67 1.75 -8.71 -4.87
N MET A 68 2.15 -7.91 -3.88
CA MET A 68 2.91 -6.68 -4.12
C MET A 68 4.36 -6.94 -4.53
N THR A 69 5.00 -7.88 -3.85
CA THR A 69 6.33 -8.41 -4.23
C THR A 69 6.45 -8.71 -5.72
N ASN A 70 5.43 -9.38 -6.26
CA ASN A 70 5.35 -9.68 -7.71
C ASN A 70 5.29 -8.43 -8.59
N ALA A 71 4.53 -7.42 -8.17
CA ALA A 71 4.52 -6.12 -8.86
C ALA A 71 5.85 -5.35 -8.75
N PHE A 72 6.54 -5.44 -7.60
CA PHE A 72 7.87 -4.82 -7.42
C PHE A 72 8.93 -5.54 -8.25
N GLN A 73 8.93 -6.87 -8.16
CA GLN A 73 9.72 -7.79 -9.00
C GLN A 73 9.49 -7.58 -10.52
N TYR A 74 8.26 -7.25 -10.91
CA TYR A 74 7.94 -6.87 -12.30
C TYR A 74 8.64 -5.56 -12.71
N VAL A 75 8.50 -4.50 -11.91
CA VAL A 75 9.12 -3.17 -12.20
C VAL A 75 10.66 -3.24 -12.28
N GLN A 76 11.28 -4.12 -11.49
CA GLN A 76 12.73 -4.37 -11.53
C GLN A 76 13.19 -4.97 -12.87
N LYS A 77 12.57 -6.10 -13.25
CA LYS A 77 12.90 -6.81 -14.50
C LYS A 77 12.48 -6.02 -15.77
N ASN A 78 11.33 -5.35 -15.69
CA ASN A 78 10.86 -4.45 -16.75
C ASN A 78 11.70 -3.16 -16.91
N ARG A 79 12.42 -2.76 -15.84
CA ARG A 79 13.19 -1.51 -15.77
C ARG A 79 12.29 -0.26 -15.91
N GLY A 80 11.08 -0.34 -15.34
CA GLY A 80 10.20 0.81 -15.25
C GLY A 80 8.76 0.57 -14.82
N ILE A 81 8.11 1.65 -14.43
CA ILE A 81 6.66 1.75 -14.30
C ILE A 81 6.27 3.10 -14.90
N ASP A 82 5.16 3.11 -15.64
CA ASP A 82 4.63 4.34 -16.23
C ASP A 82 3.95 5.20 -15.17
N SER A 83 3.84 6.49 -15.46
CA SER A 83 2.99 7.40 -14.71
C SER A 83 1.51 7.13 -15.04
N GLU A 84 0.63 7.51 -14.10
CA GLU A 84 -0.83 7.57 -14.33
C GLU A 84 -1.18 8.43 -15.56
N ASP A 85 -0.43 9.53 -15.72
CA ASP A 85 -0.47 10.37 -16.92
C ASP A 85 -0.15 9.58 -18.20
N ALA A 86 0.97 8.85 -18.18
CA ALA A 86 1.38 7.97 -19.28
C ALA A 86 0.49 6.73 -19.50
N TYR A 87 -0.05 6.18 -18.40
CA TYR A 87 -0.79 4.92 -18.38
C TYR A 87 -1.91 4.99 -17.30
N PRO A 88 -3.13 5.45 -17.67
CA PRO A 88 -4.19 5.70 -16.68
C PRO A 88 -5.04 4.50 -16.31
N TYR A 89 -5.73 4.60 -15.17
CA TYR A 89 -6.57 3.54 -14.61
C TYR A 89 -7.95 3.52 -15.27
N VAL A 90 -8.29 2.38 -15.88
CA VAL A 90 -9.61 2.13 -16.53
C VAL A 90 -10.57 1.20 -15.76
N GLY A 91 -10.07 0.43 -14.79
CA GLY A 91 -10.90 -0.44 -13.92
C GLY A 91 -11.20 -1.84 -14.42
N GLN A 92 -10.39 -2.36 -15.35
CA GLN A 92 -10.49 -3.76 -15.87
C GLN A 92 -9.09 -4.30 -16.15
N GLU A 93 -8.98 -5.62 -16.23
CA GLU A 93 -7.76 -6.29 -16.71
C GLU A 93 -7.78 -6.29 -18.23
N GLU A 94 -6.71 -5.84 -18.85
CA GLU A 94 -6.54 -5.90 -20.32
C GLU A 94 -5.05 -5.94 -20.74
N SER A 95 -4.75 -5.77 -22.03
CA SER A 95 -3.39 -5.92 -22.59
C SER A 95 -2.36 -4.93 -22.05
N CYS A 96 -1.12 -5.41 -21.89
CA CYS A 96 0.01 -4.57 -21.46
C CYS A 96 0.36 -3.57 -22.56
N MET A 97 0.38 -2.28 -22.20
CA MET A 97 0.86 -1.22 -23.10
C MET A 97 1.89 -0.34 -22.38
N TYR A 98 2.87 -0.99 -21.74
CA TYR A 98 4.00 -0.28 -21.12
C TYR A 98 4.83 0.40 -22.22
N ASN A 99 4.92 1.73 -22.16
CA ASN A 99 5.73 2.52 -23.08
C ASN A 99 6.93 3.08 -22.29
N PRO A 100 8.18 2.60 -22.56
CA PRO A 100 9.33 3.11 -21.78
C PRO A 100 9.69 4.62 -21.87
N THR A 101 9.08 5.37 -22.81
CA THR A 101 9.16 6.85 -22.84
C THR A 101 8.45 7.50 -21.63
N GLY A 102 7.23 7.06 -21.36
CA GLY A 102 6.46 7.48 -20.18
C GLY A 102 6.86 6.93 -18.81
N LYS A 103 7.99 6.22 -18.74
CA LYS A 103 8.72 5.85 -17.49
C LYS A 103 8.78 6.99 -16.46
N ALA A 104 8.63 6.60 -15.19
CA ALA A 104 8.42 7.53 -14.07
C ALA A 104 9.19 7.10 -12.80
N ALA A 105 9.11 5.81 -12.46
CA ALA A 105 10.03 5.18 -11.50
C ALA A 105 10.60 3.88 -12.07
N LYS A 106 11.75 3.49 -11.52
CA LYS A 106 12.33 2.16 -11.67
C LYS A 106 12.31 1.52 -10.29
N CYS A 107 12.83 0.30 -10.15
CA CYS A 107 12.96 -0.39 -8.87
C CYS A 107 14.25 -1.22 -8.81
N ARG A 108 15.12 -0.96 -7.82
CA ARG A 108 16.38 -1.75 -7.60
C ARG A 108 16.19 -3.15 -7.01
N GLY A 109 15.05 -3.40 -6.37
CA GLY A 109 14.76 -4.66 -5.65
C GLY A 109 13.64 -4.44 -4.65
N TYR A 110 13.44 -5.40 -3.75
CA TYR A 110 12.49 -5.24 -2.64
C TYR A 110 12.96 -5.95 -1.38
N ARG A 111 12.33 -5.61 -0.26
CA ARG A 111 12.55 -6.27 1.03
C ARG A 111 11.23 -6.61 1.70
N GLU A 112 11.26 -7.67 2.51
CA GLU A 112 10.10 -8.19 3.21
C GLU A 112 10.34 -8.09 4.70
N ILE A 113 9.29 -7.74 5.45
CA ILE A 113 9.33 -7.65 6.92
C ILE A 113 9.16 -9.10 7.44
N PRO A 114 9.80 -9.45 8.59
CA PRO A 114 9.53 -10.79 9.19
C PRO A 114 8.07 -10.98 9.63
N GLU A 115 7.56 -12.20 9.44
CA GLU A 115 6.13 -12.49 9.56
C GLU A 115 5.64 -12.36 11.01
N GLY A 116 4.59 -11.55 11.20
CA GLY A 116 4.01 -11.28 12.51
C GLY A 116 4.86 -10.44 13.44
N ASN A 117 5.69 -9.57 12.87
CA ASN A 117 6.63 -8.72 13.61
C ASN A 117 6.23 -7.27 13.37
N GLU A 118 5.34 -6.77 14.24
CA GLU A 118 4.90 -5.36 14.23
C GLU A 118 6.00 -4.37 14.57
N LYS A 119 6.95 -4.77 15.43
CA LYS A 119 8.15 -3.97 15.73
C LYS A 119 9.05 -3.79 14.50
N ALA A 120 9.18 -4.83 13.68
CA ALA A 120 9.96 -4.78 12.42
C ALA A 120 9.32 -3.86 11.37
N LEU A 121 8.01 -4.02 11.18
CA LEU A 121 7.18 -3.11 10.36
C LEU A 121 7.25 -1.64 10.84
N LYS A 122 7.33 -1.43 12.15
CA LYS A 122 7.47 -0.07 12.75
C LYS A 122 8.83 0.54 12.36
N ARG A 123 9.89 -0.25 12.55
CA ARG A 123 11.24 0.12 12.11
C ARG A 123 11.34 0.36 10.59
N ALA A 124 10.62 -0.47 9.81
CA ALA A 124 10.56 -0.30 8.35
C ALA A 124 9.88 1.01 7.94
N VAL A 125 8.69 1.25 8.46
CA VAL A 125 7.91 2.47 8.14
C VAL A 125 8.70 3.74 8.49
N ALA A 126 9.24 3.79 9.71
CA ALA A 126 10.06 4.92 10.21
C ALA A 126 11.27 5.29 9.34
N ARG A 127 11.94 4.28 8.78
CA ARG A 127 13.18 4.47 8.01
C ARG A 127 12.98 4.56 6.49
N VAL A 128 12.09 3.73 5.95
CA VAL A 128 11.91 3.63 4.48
C VAL A 128 10.92 4.69 3.98
N GLY A 129 9.70 4.60 4.47
CA GLY A 129 8.57 5.40 3.96
C GLY A 129 7.31 4.55 3.92
N PRO A 130 6.33 4.90 3.04
CA PRO A 130 5.12 4.08 2.85
C PRO A 130 5.41 2.59 2.49
N VAL A 131 5.06 1.68 3.40
CA VAL A 131 5.27 0.22 3.27
C VAL A 131 3.95 -0.45 2.85
N SER A 132 4.03 -1.36 1.88
CA SER A 132 2.87 -2.16 1.46
C SER A 132 2.60 -3.22 2.52
N VAL A 133 1.36 -3.24 3.00
CA VAL A 133 0.87 -4.27 3.92
C VAL A 133 -0.42 -4.86 3.36
N ALA A 134 -0.62 -6.16 3.63
CA ALA A 134 -1.92 -6.81 3.44
C ALA A 134 -2.59 -7.03 4.79
N ILE A 135 -3.92 -7.12 4.76
CA ILE A 135 -4.76 -7.26 5.96
C ILE A 135 -6.05 -8.06 5.69
N ASP A 136 -6.73 -8.38 6.78
CA ASP A 136 -8.13 -8.84 6.77
C ASP A 136 -8.98 -7.57 6.82
N ALA A 137 -9.66 -7.27 5.70
CA ALA A 137 -10.62 -6.16 5.60
C ALA A 137 -12.05 -6.65 5.25
N SER A 138 -12.36 -7.90 5.59
CA SER A 138 -13.65 -8.53 5.26
C SER A 138 -14.78 -8.15 6.22
N LEU A 139 -14.43 -7.70 7.43
CA LEU A 139 -15.40 -7.38 8.48
C LEU A 139 -16.21 -6.14 8.17
N THR A 140 -17.48 -6.16 8.55
CA THR A 140 -18.40 -5.01 8.55
C THR A 140 -17.85 -3.81 9.33
N SER A 141 -17.30 -4.10 10.50
CA SER A 141 -16.65 -3.10 11.35
C SER A 141 -15.50 -2.36 10.64
N PHE A 142 -14.75 -3.10 9.80
CA PHE A 142 -13.77 -2.48 8.89
C PHE A 142 -14.44 -1.62 7.82
N GLN A 143 -15.46 -2.15 7.13
CA GLN A 143 -16.17 -1.46 6.03
C GLN A 143 -16.64 -0.06 6.41
N PHE A 144 -17.33 0.04 7.54
CA PHE A 144 -17.94 1.29 8.02
C PHE A 144 -17.14 1.93 9.16
N TYR A 145 -15.81 1.98 9.00
CA TYR A 145 -14.95 2.78 9.85
C TYR A 145 -15.19 4.25 9.49
N SER A 146 -15.22 5.11 10.52
CA SER A 146 -15.31 6.59 10.38
C SER A 146 -14.29 7.38 11.23
N LYS A 147 -14.07 6.97 12.48
CA LYS A 147 -13.08 7.59 13.36
C LYS A 147 -12.50 6.64 14.40
N GLY A 148 -11.40 7.08 15.02
CA GLY A 148 -10.73 6.36 16.10
C GLY A 148 -9.64 5.40 15.63
N VAL A 149 -9.15 4.59 16.57
CA VAL A 149 -8.22 3.50 16.29
C VAL A 149 -9.07 2.24 16.13
N TYR A 150 -8.96 1.59 14.97
CA TYR A 150 -9.76 0.42 14.64
C TYR A 150 -9.20 -0.86 15.25
N TYR A 151 -10.08 -1.69 15.81
CA TYR A 151 -9.78 -3.05 16.25
C TYR A 151 -11.07 -3.89 16.30
N ASP A 152 -10.93 -5.19 16.05
CA ASP A 152 -12.03 -6.15 16.17
C ASP A 152 -11.44 -7.53 16.49
N GLU A 153 -11.93 -8.18 17.55
CA GLU A 153 -11.48 -9.54 17.92
C GLU A 153 -11.83 -10.64 16.90
N SER A 154 -12.80 -10.37 16.03
CA SER A 154 -13.05 -11.18 14.82
C SER A 154 -11.93 -11.18 13.78
N CYS A 155 -11.07 -10.15 13.78
CA CYS A 155 -10.17 -9.87 12.64
C CYS A 155 -9.08 -10.95 12.54
N ASN A 156 -9.30 -11.88 11.62
CA ASN A 156 -8.46 -13.05 11.40
C ASN A 156 -7.16 -12.62 10.70
N SER A 157 -6.06 -12.63 11.45
CA SER A 157 -4.71 -12.34 10.93
C SER A 157 -4.25 -13.27 9.80
N ASP A 158 -4.70 -14.53 9.84
CA ASP A 158 -4.38 -15.55 8.83
C ASP A 158 -5.23 -15.49 7.55
N ASN A 159 -6.37 -14.76 7.57
CA ASN A 159 -7.17 -14.48 6.37
C ASN A 159 -6.79 -13.10 5.80
N LEU A 160 -5.63 -13.05 5.14
CA LEU A 160 -5.15 -11.83 4.51
C LEU A 160 -5.79 -11.72 3.13
N ASN A 161 -6.70 -10.75 2.97
CA ASN A 161 -7.54 -10.62 1.76
C ASN A 161 -7.57 -9.23 1.08
N HIS A 162 -6.79 -8.27 1.57
CA HIS A 162 -6.82 -6.90 1.05
C HIS A 162 -5.49 -6.19 1.30
N ALA A 163 -4.95 -5.58 0.24
CA ALA A 163 -3.70 -4.85 0.29
C ALA A 163 -3.98 -3.36 0.44
N VAL A 164 -3.27 -2.73 1.38
CA VAL A 164 -3.34 -1.30 1.71
C VAL A 164 -1.90 -0.75 1.83
N LEU A 165 -1.72 0.48 2.33
CA LEU A 165 -0.40 1.10 2.47
C LEU A 165 -0.23 1.70 3.86
N ALA A 166 0.75 1.23 4.63
CA ALA A 166 1.13 1.87 5.89
C ALA A 166 2.00 3.10 5.60
N VAL A 167 1.38 4.29 5.62
CA VAL A 167 2.08 5.60 5.43
C VAL A 167 2.60 6.28 6.72
N GLY A 168 2.53 5.58 7.86
CA GLY A 168 2.93 6.15 9.15
C GLY A 168 2.38 5.37 10.35
N TYR A 169 2.67 5.89 11.54
CA TYR A 169 2.13 5.37 12.82
C TYR A 169 2.05 6.48 13.89
N GLY A 170 1.37 6.20 14.99
CA GLY A 170 1.26 7.17 16.09
C GLY A 170 0.43 6.69 17.26
N ILE A 171 -0.09 7.65 18.04
CA ILE A 171 -1.03 7.39 19.16
C ILE A 171 -2.22 8.37 19.11
N GLN A 172 -3.40 7.89 19.51
CA GLN A 172 -4.64 8.68 19.52
C GLN A 172 -5.56 8.16 20.66
N LYS A 173 -5.70 8.96 21.73
CA LYS A 173 -6.40 8.59 22.97
C LYS A 173 -5.79 7.35 23.67
N GLY A 174 -4.46 7.29 23.72
CA GLY A 174 -3.71 6.15 24.28
C GLY A 174 -3.85 4.82 23.58
N ASN A 175 -4.19 4.85 22.28
CA ASN A 175 -4.30 3.66 21.45
C ASN A 175 -3.27 3.87 20.34
N LYS A 176 -2.19 3.08 20.40
CA LYS A 176 -1.15 3.09 19.36
C LYS A 176 -1.75 2.63 18.04
N HIS A 177 -1.37 3.26 16.93
CA HIS A 177 -1.96 2.96 15.61
C HIS A 177 -0.96 2.91 14.45
N TRP A 178 -1.39 2.26 13.37
CA TRP A 178 -0.80 2.38 12.04
C TRP A 178 -1.68 3.35 11.24
N ILE A 179 -1.08 4.34 10.60
CA ILE A 179 -1.75 5.24 9.64
C ILE A 179 -1.76 4.51 8.30
N ILE A 180 -2.96 4.19 7.80
CA ILE A 180 -3.17 3.31 6.65
C ILE A 180 -3.91 4.03 5.54
N LYS A 181 -3.38 3.97 4.31
CA LYS A 181 -4.08 4.46 3.11
C LYS A 181 -4.81 3.29 2.42
N ASN A 182 -6.13 3.37 2.35
CA ASN A 182 -6.94 2.46 1.52
C ASN A 182 -7.05 3.07 0.11
N SER A 183 -7.61 2.29 -0.81
CA SER A 183 -7.90 2.72 -2.18
C SER A 183 -9.39 2.49 -2.55
N TRP A 184 -10.29 2.85 -1.63
CA TRP A 184 -11.74 2.84 -1.88
C TRP A 184 -12.32 4.27 -2.02
N GLY A 185 -11.51 5.20 -2.54
CA GLY A 185 -11.91 6.59 -2.73
C GLY A 185 -11.85 7.46 -1.48
N GLU A 186 -11.97 8.77 -1.71
CA GLU A 186 -11.87 9.79 -0.65
C GLU A 186 -13.04 9.79 0.37
N ASN A 187 -14.22 9.31 -0.02
CA ASN A 187 -15.39 9.27 0.87
C ASN A 187 -15.50 8.06 1.81
N TRP A 188 -14.65 7.04 1.63
CA TRP A 188 -14.53 5.95 2.62
C TRP A 188 -13.65 6.40 3.79
N GLY A 189 -13.97 5.91 5.00
CA GLY A 189 -13.10 6.05 6.16
C GLY A 189 -13.05 7.47 6.68
N ASN A 190 -11.85 7.88 7.11
CA ASN A 190 -11.52 9.26 7.42
C ASN A 190 -10.70 9.81 6.25
N LYS A 191 -11.42 10.28 5.23
CA LYS A 191 -10.86 10.87 4.00
C LYS A 191 -10.04 9.87 3.17
N GLY A 192 -10.50 8.61 3.17
CA GLY A 192 -9.77 7.46 2.61
C GLY A 192 -8.91 6.67 3.57
N TYR A 193 -8.49 7.29 4.67
CA TYR A 193 -7.55 6.68 5.62
C TYR A 193 -8.26 5.97 6.76
N ILE A 194 -7.56 4.98 7.32
CA ILE A 194 -7.92 4.31 8.56
C ILE A 194 -6.70 4.27 9.49
N LEU A 195 -6.95 4.33 10.79
CA LEU A 195 -5.95 4.16 11.82
C LEU A 195 -6.27 2.79 12.41
N MET A 196 -5.41 1.81 12.13
CA MET A 196 -5.59 0.43 12.62
C MET A 196 -4.70 0.21 13.84
N ALA A 197 -5.16 -0.65 14.74
CA ALA A 197 -4.51 -0.88 16.04
C ALA A 197 -3.09 -1.46 15.88
N ARG A 198 -2.11 -0.76 16.48
CA ARG A 198 -0.70 -1.16 16.50
C ARG A 198 -0.38 -1.83 17.84
N ASN A 199 0.53 -2.81 17.81
N ASN A 199 0.53 -2.81 17.79
CA ASN A 199 0.92 -3.65 18.96
CA ASN A 199 0.90 -3.69 18.91
C ASN A 199 -0.26 -4.27 19.73
C ASN A 199 -0.26 -4.26 19.72
N LYS A 200 -1.22 -4.83 19.00
CA LYS A 200 -2.43 -5.45 19.58
C LYS A 200 -2.60 -6.87 19.04
N ASN A 201 -1.56 -7.67 19.30
CA ASN A 201 -1.45 -9.08 18.86
C ASN A 201 -1.58 -9.25 17.33
N ASN A 202 -0.96 -8.34 16.58
CA ASN A 202 -0.98 -8.31 15.11
C ASN A 202 -2.41 -8.20 14.55
N ALA A 203 -3.03 -7.04 14.84
CA ALA A 203 -4.45 -6.79 14.54
C ALA A 203 -4.72 -6.79 13.03
N CYS A 204 -5.62 -7.68 12.60
CA CYS A 204 -5.91 -7.97 11.18
C CYS A 204 -4.71 -8.47 10.35
N GLY A 205 -3.69 -9.04 10.99
CA GLY A 205 -2.47 -9.50 10.33
C GLY A 205 -1.71 -8.43 9.55
N ILE A 206 -1.63 -7.23 10.14
CA ILE A 206 -0.94 -6.07 9.56
C ILE A 206 0.52 -6.36 9.21
N ALA A 207 1.21 -7.13 10.05
CA ALA A 207 2.64 -7.48 9.87
C ALA A 207 2.98 -8.76 9.07
N ASN A 208 1.97 -9.47 8.55
CA ASN A 208 2.17 -10.83 7.98
C ASN A 208 2.68 -10.89 6.52
N LEU A 209 2.16 -10.03 5.64
CA LEU A 209 2.55 -9.99 4.22
C LEU A 209 2.92 -8.54 3.87
N ALA A 210 3.96 -8.07 4.56
CA ALA A 210 4.44 -6.68 4.49
C ALA A 210 5.77 -6.58 3.74
N SER A 211 5.90 -5.55 2.89
CA SER A 211 7.10 -5.36 2.04
C SER A 211 7.24 -3.93 1.48
N PHE A 212 8.47 -3.58 1.07
CA PHE A 212 8.77 -2.28 0.41
C PHE A 212 9.78 -2.44 -0.73
N PRO A 213 9.67 -1.59 -1.79
CA PRO A 213 10.72 -1.54 -2.83
C PRO A 213 11.91 -0.65 -2.41
N LYS A 214 13.07 -0.90 -3.00
CA LYS A 214 14.22 0.00 -2.94
C LYS A 214 14.40 0.59 -4.34
N MET A 215 14.54 1.92 -4.42
CA MET A 215 14.55 2.66 -5.69
C MET A 215 15.93 3.22 -6.01
#